data_5JIH
#
_entry.id   5JIH
#
_cell.length_a   49.657
_cell.length_b   79.465
_cell.length_c   140.503
_cell.angle_alpha   90.00
_cell.angle_beta   90.00
_cell.angle_gamma   90.00
#
_symmetry.space_group_name_H-M   'P 21 21 21'
#
loop_
_entity.id
_entity.type
_entity.pdbx_description
1 polymer 'Ig gamma-1 chain C region'
2 branched 2-acetamido-2-deoxy-beta-D-glucopyranose-(1-2)-alpha-D-mannopyranose-(1-3)-[2-acetamido-2-deoxy-beta-D-glucopyranose-(1-2)-alpha-D-mannopyranose-(1-6)]beta-D-mannopyranose-(1-4)-2-acetamido-2-deoxy-beta-D-glucopyranose-(1-4)-[alpha-L-fucopyranose-(1-6)]2-acetamido-2-deoxy-beta-D-glucopyranose
3 branched 2-acetamido-2-deoxy-beta-D-glucopyranose-(1-2)-alpha-D-mannopyranose-(1-6)-[alpha-D-mannopyranose-(1-3)]beta-D-mannopyranose-(1-4)-2-acetamido-2-deoxy-beta-D-glucopyranose-(1-4)-2-acetamido-2-deoxy-beta-D-glucopyranose
4 water water
#
_entity_poly.entity_id   1
_entity_poly.type   'polypeptide(L)'
_entity_poly.pdbx_seq_one_letter_code
;TCPPCPAPELLGGPSVFLFPPKPKDTLMISRTPEVTCVVVDVSHEDPEVKFNWYVDGVEVHNAKTKPREEQYNSTYRVVS
VLTVLHQDWLNGKEYKCKVSNKALPAPIEKTISKAKGQPREPQVYTLPPSRDEYLSDSVSLTCLVKGFYPSDIAVEWESN
GQPENNYKTTPPVLDSDGSFFLYSKLTVPRHSETMRRWAHGNVFSCSVMHEALHNHYTQKSLSLSPG
;
_entity_poly.pdbx_strand_id   A,B
#
loop_
_chem_comp.id
_chem_comp.type
_chem_comp.name
_chem_comp.formula
BMA D-saccharide, beta linking beta-D-mannopyranose 'C6 H12 O6'
FUC L-saccharide, alpha linking alpha-L-fucopyranose 'C6 H12 O5'
MAN D-saccharide, alpha linking alpha-D-mannopyranose 'C6 H12 O6'
NAG D-saccharide, beta linking 2-acetamido-2-deoxy-beta-D-glucopyranose 'C8 H15 N O6'
#
# COMPACT_ATOMS: atom_id res chain seq x y z
N GLY A 13 -16.21 2.51 -25.28
CA GLY A 13 -15.54 3.76 -25.62
C GLY A 13 -14.11 3.74 -25.08
N PRO A 14 -13.19 4.50 -25.69
CA PRO A 14 -11.81 4.36 -25.22
C PRO A 14 -11.56 4.99 -23.85
N SER A 15 -10.47 4.58 -23.22
CA SER A 15 -10.12 5.06 -21.91
C SER A 15 -8.69 5.46 -21.94
N VAL A 16 -8.36 6.41 -21.08
CA VAL A 16 -7.02 6.97 -21.03
C VAL A 16 -6.41 6.82 -19.65
N PHE A 17 -5.13 6.47 -19.62
CA PHE A 17 -4.36 6.35 -18.39
C PHE A 17 -3.09 7.13 -18.54
N LEU A 18 -2.76 7.93 -17.52
CA LEU A 18 -1.59 8.82 -17.57
C LEU A 18 -0.64 8.53 -16.43
N PHE A 19 0.61 8.20 -16.76
CA PHE A 19 1.57 7.69 -15.80
C PHE A 19 2.70 8.68 -15.57
N PRO A 20 3.11 8.85 -14.30
CA PRO A 20 4.20 9.77 -13.98
C PRO A 20 5.53 9.15 -14.24
N PRO A 21 6.58 9.97 -14.10
CA PRO A 21 7.96 9.43 -14.16
C PRO A 21 8.29 8.58 -12.94
N LYS A 22 9.26 7.69 -13.06
CA LYS A 22 9.76 6.96 -11.87
C LYS A 22 10.53 7.91 -10.96
N PRO A 23 10.40 7.74 -9.63
CA PRO A 23 11.09 8.63 -8.69
C PRO A 23 12.60 8.77 -8.93
N LYS A 24 13.31 7.68 -9.29
CA LYS A 24 14.75 7.80 -9.52
C LYS A 24 15.06 8.71 -10.71
N ASP A 25 14.16 8.71 -11.67
CA ASP A 25 14.39 9.38 -12.94
C ASP A 25 14.37 10.88 -12.80
N THR A 26 13.56 11.44 -11.89
CA THR A 26 13.50 12.87 -11.81
C THR A 26 14.63 13.42 -10.94
N LEU A 27 15.28 12.54 -10.18
CA LEU A 27 16.25 12.96 -9.18
C LEU A 27 17.71 12.93 -9.64
N MET A 28 17.93 12.31 -10.77
CA MET A 28 19.28 12.16 -11.28
C MET A 28 19.30 12.71 -12.70
N ILE A 29 20.14 13.72 -12.95
CA ILE A 29 20.12 14.38 -14.25
C ILE A 29 20.58 13.44 -15.34
N SER A 30 21.27 12.38 -14.96
CA SER A 30 21.71 11.40 -15.94
C SER A 30 20.55 10.52 -16.49
N ARG A 31 19.43 10.46 -15.76
CA ARG A 31 18.30 9.63 -16.18
C ARG A 31 17.28 10.46 -17.01
N THR A 32 16.31 9.76 -17.59
CA THR A 32 15.37 10.36 -18.54
C THR A 32 13.94 10.21 -18.03
N PRO A 33 13.45 11.24 -17.30
CA PRO A 33 12.09 11.13 -16.78
C PRO A 33 11.04 11.35 -17.88
N GLU A 34 9.96 10.56 -17.88
CA GLU A 34 8.91 10.63 -18.90
C GLU A 34 7.53 10.60 -18.28
N VAL A 35 6.58 11.33 -18.88
CA VAL A 35 5.14 11.13 -18.58
C VAL A 35 4.53 10.35 -19.76
N THR A 36 3.69 9.35 -19.50
CA THR A 36 3.20 8.43 -20.56
C THR A 36 1.68 8.36 -20.58
N CYS A 37 1.11 8.68 -21.72
CA CYS A 37 -0.34 8.74 -21.92
C CYS A 37 -0.73 7.56 -22.75
N VAL A 38 -1.57 6.68 -22.19
CA VAL A 38 -1.90 5.42 -22.84
C VAL A 38 -3.37 5.40 -23.13
N VAL A 39 -3.76 5.11 -24.36
CA VAL A 39 -5.17 5.03 -24.72
C VAL A 39 -5.48 3.59 -25.08
N VAL A 40 -6.50 3.01 -24.44
CA VAL A 40 -6.94 1.63 -24.73
C VAL A 40 -8.39 1.61 -25.20
N ASP A 41 -8.83 0.44 -25.68
CA ASP A 41 -10.21 0.29 -26.15
C ASP A 41 -10.55 1.26 -27.29
N VAL A 42 -9.58 1.46 -28.19
CA VAL A 42 -9.79 2.22 -29.40
C VAL A 42 -10.35 1.22 -30.42
N SER A 43 -11.43 1.59 -31.10
CA SER A 43 -12.15 0.64 -31.96
C SER A 43 -11.60 0.59 -33.37
N HIS A 44 -12.00 -0.44 -34.10
CA HIS A 44 -11.79 -0.51 -35.55
C HIS A 44 -12.59 0.52 -36.35
N GLU A 45 -13.83 0.76 -35.94
CA GLU A 45 -14.69 1.69 -36.69
C GLU A 45 -14.09 3.12 -36.67
N ASP A 46 -13.57 3.54 -35.53
CA ASP A 46 -12.86 4.83 -35.43
C ASP A 46 -11.48 4.66 -34.80
N PRO A 47 -10.45 4.34 -35.60
CA PRO A 47 -9.13 4.02 -35.08
C PRO A 47 -8.19 5.22 -34.90
N GLU A 48 -8.55 6.37 -35.47
CA GLU A 48 -7.66 7.53 -35.42
C GLU A 48 -7.69 8.14 -34.03
N VAL A 49 -6.50 8.40 -33.49
CA VAL A 49 -6.35 9.07 -32.21
C VAL A 49 -5.42 10.27 -32.35
N LYS A 50 -5.83 11.40 -31.79
CA LYS A 50 -4.96 12.56 -31.76
C LYS A 50 -4.59 12.86 -30.31
N PHE A 51 -3.31 13.16 -30.07
CA PHE A 51 -2.89 13.66 -28.78
C PHE A 51 -2.52 15.14 -28.86
N ASN A 52 -2.94 15.89 -27.85
CA ASN A 52 -2.38 17.18 -27.54
C ASN A 52 -1.80 17.15 -26.13
N TRP A 53 -0.63 17.73 -25.99
CA TRP A 53 0.02 17.86 -24.66
C TRP A 53 0.16 19.29 -24.19
N TYR A 54 -0.01 19.51 -22.89
CA TYR A 54 0.13 20.87 -22.31
C TYR A 54 0.95 20.81 -21.01
N VAL A 55 1.78 21.85 -20.78
CA VAL A 55 2.54 21.97 -19.54
C VAL A 55 2.13 23.29 -18.90
N ASP A 56 1.57 23.18 -17.69
CA ASP A 56 0.85 24.30 -17.07
C ASP A 56 -0.11 25.01 -18.07
N GLY A 57 -0.83 24.21 -18.86
CA GLY A 57 -1.84 24.78 -19.74
C GLY A 57 -1.34 25.30 -21.08
N VAL A 58 -0.02 25.35 -21.25
CA VAL A 58 0.61 25.79 -22.51
C VAL A 58 0.89 24.57 -23.40
N GLU A 59 0.46 24.59 -24.67
CA GLU A 59 0.66 23.41 -25.52
C GLU A 59 2.14 23.20 -25.82
N VAL A 60 2.59 21.95 -25.75
CA VAL A 60 3.96 21.60 -26.13
C VAL A 60 3.92 20.58 -27.26
N HIS A 61 4.98 20.55 -28.07
CA HIS A 61 4.90 19.87 -29.36
C HIS A 61 5.93 18.76 -29.53
N ASN A 62 6.63 18.39 -28.45
CA ASN A 62 7.76 17.45 -28.60
C ASN A 62 7.52 16.00 -28.12
N ALA A 63 6.28 15.65 -27.82
CA ALA A 63 5.98 14.25 -27.46
C ALA A 63 6.26 13.32 -28.60
N LYS A 64 6.50 12.07 -28.27
CA LYS A 64 6.75 11.05 -29.26
C LYS A 64 5.65 10.02 -29.15
N THR A 65 4.90 9.92 -30.23
CA THR A 65 3.72 9.08 -30.27
C THR A 65 3.97 7.85 -31.10
N LYS A 66 3.69 6.68 -30.54
CA LYS A 66 3.91 5.40 -31.21
C LYS A 66 2.76 5.06 -32.16
N PRO A 67 3.03 4.31 -33.23
CA PRO A 67 1.89 3.86 -34.01
C PRO A 67 0.99 2.95 -33.19
N ARG A 68 -0.27 2.84 -33.61
CA ARG A 68 -1.26 2.11 -32.84
C ARG A 68 -0.97 0.63 -32.93
N GLU A 69 -1.25 -0.09 -31.85
CA GLU A 69 -0.96 -1.52 -31.74
C GLU A 69 -2.24 -2.34 -31.48
N GLU A 70 -2.61 -3.23 -32.41
CA GLU A 70 -3.82 -4.02 -32.20
C GLU A 70 -3.57 -5.02 -31.10
N GLN A 71 -4.57 -5.16 -30.23
CA GLN A 71 -4.53 -6.08 -29.09
C GLN A 71 -5.30 -7.35 -29.43
N TYR A 72 -5.10 -8.42 -28.67
CA TYR A 72 -5.75 -9.68 -29.00
C TYR A 72 -7.26 -9.62 -28.77
N ASN A 73 -7.75 -8.57 -28.11
CA ASN A 73 -9.19 -8.42 -27.99
C ASN A 73 -9.77 -7.52 -29.09
N SER A 74 -8.98 -7.36 -30.16
CA SER A 74 -9.43 -6.67 -31.38
C SER A 74 -9.72 -5.18 -31.16
N THR A 75 -9.17 -4.61 -30.08
CA THR A 75 -9.12 -3.17 -29.90
C THR A 75 -7.69 -2.68 -30.11
N TYR A 76 -7.50 -1.37 -30.20
CA TYR A 76 -6.14 -0.83 -30.38
C TYR A 76 -5.71 -0.16 -29.12
N ARG A 77 -4.40 -0.16 -28.90
CA ARG A 77 -3.74 0.59 -27.82
C ARG A 77 -2.76 1.58 -28.44
N VAL A 78 -2.76 2.82 -27.97
CA VAL A 78 -1.86 3.81 -28.57
C VAL A 78 -1.22 4.58 -27.44
N VAL A 79 0.07 4.86 -27.59
CA VAL A 79 0.87 5.44 -26.49
C VAL A 79 1.60 6.69 -26.97
N SER A 80 1.56 7.73 -26.14
CA SER A 80 2.35 8.90 -26.41
C SER A 80 3.20 9.18 -25.18
N VAL A 81 4.47 9.44 -25.44
CA VAL A 81 5.45 9.70 -24.39
C VAL A 81 6.03 11.13 -24.44
N LEU A 82 5.90 11.86 -23.34
CA LEU A 82 6.49 13.19 -23.25
C LEU A 82 7.68 13.17 -22.32
N THR A 83 8.83 13.62 -22.81
CA THR A 83 10.01 13.73 -21.92
C THR A 83 9.86 14.95 -21.05
N VAL A 84 10.17 14.87 -19.75
CA VAL A 84 10.06 16.07 -18.94
C VAL A 84 11.44 16.47 -18.44
N LEU A 85 11.57 17.76 -18.20
CA LEU A 85 12.77 18.29 -17.60
C LEU A 85 12.72 18.04 -16.08
N HIS A 86 13.83 17.54 -15.54
CA HIS A 86 13.87 17.19 -14.12
C HIS A 86 13.38 18.34 -13.27
N GLN A 87 13.89 19.54 -13.53
CA GLN A 87 13.51 20.61 -12.62
C GLN A 87 12.07 21.08 -12.83
N ASP A 88 11.49 20.91 -14.04
CA ASP A 88 10.05 21.22 -14.23
C ASP A 88 9.21 20.33 -13.35
N TRP A 89 9.56 19.04 -13.32
CA TRP A 89 8.74 18.11 -12.53
C TRP A 89 8.83 18.51 -11.07
N LEU A 90 10.06 18.74 -10.63
CA LEU A 90 10.28 19.05 -9.23
C LEU A 90 9.77 20.45 -8.87
N ASN A 91 9.60 21.33 -9.85
CA ASN A 91 9.00 22.64 -9.62
C ASN A 91 7.46 22.58 -9.70
N GLY A 92 6.86 21.39 -9.82
CA GLY A 92 5.41 21.22 -9.70
C GLY A 92 4.63 21.51 -10.95
N LYS A 93 5.30 21.52 -12.08
CA LYS A 93 4.58 21.77 -13.34
C LYS A 93 3.54 20.66 -13.56
N GLU A 94 2.44 21.02 -14.22
CA GLU A 94 1.32 20.11 -14.50
C GLU A 94 1.34 19.66 -15.95
N TYR A 95 1.22 18.37 -16.15
CA TYR A 95 1.28 17.76 -17.49
C TYR A 95 -0.09 17.22 -17.85
N LYS A 96 -0.67 17.75 -18.92
CA LYS A 96 -1.97 17.33 -19.40
C LYS A 96 -1.86 16.63 -20.77
N CYS A 97 -2.52 15.47 -20.84
CA CYS A 97 -2.69 14.70 -22.08
C CYS A 97 -4.14 14.82 -22.52
N LYS A 98 -4.38 15.30 -23.74
CA LYS A 98 -5.73 15.40 -24.29
C LYS A 98 -5.83 14.42 -25.44
N VAL A 99 -6.83 13.55 -25.38
CA VAL A 99 -7.03 12.50 -26.37
C VAL A 99 -8.32 12.68 -27.14
N SER A 100 -8.19 12.73 -28.46
CA SER A 100 -9.33 12.92 -29.34
C SER A 100 -9.52 11.69 -30.21
N ASN A 101 -10.78 11.33 -30.44
CA ASN A 101 -11.17 10.13 -31.17
C ASN A 101 -12.63 10.29 -31.56
N LYS A 102 -12.97 9.95 -32.80
CA LYS A 102 -14.30 10.22 -33.35
C LYS A 102 -15.41 9.45 -32.64
N ALA A 103 -15.05 8.40 -31.92
CA ALA A 103 -16.01 7.61 -31.15
C ALA A 103 -16.31 8.25 -29.78
N LEU A 104 -15.68 9.39 -29.47
CA LEU A 104 -15.90 10.05 -28.19
C LEU A 104 -16.91 11.19 -28.31
N PRO A 105 -17.75 11.41 -27.28
CA PRO A 105 -18.61 12.59 -27.33
C PRO A 105 -17.74 13.84 -27.30
N ALA A 106 -16.67 13.76 -26.52
CA ALA A 106 -15.72 14.86 -26.40
C ALA A 106 -14.35 14.33 -26.02
N PRO A 107 -13.30 15.13 -26.24
CA PRO A 107 -11.94 14.67 -25.90
C PRO A 107 -11.79 14.32 -24.43
N ILE A 108 -10.95 13.36 -24.10
CA ILE A 108 -10.70 13.01 -22.71
C ILE A 108 -9.46 13.73 -22.33
N GLU A 109 -9.48 14.40 -21.17
CA GLU A 109 -8.31 15.08 -20.65
C GLU A 109 -7.86 14.41 -19.36
N LYS A 110 -6.56 14.19 -19.21
CA LYS A 110 -5.98 13.73 -17.93
C LYS A 110 -4.79 14.61 -17.57
N THR A 111 -4.60 14.88 -16.25
CA THR A 111 -3.48 15.71 -15.77
C THR A 111 -2.75 15.00 -14.68
N ILE A 112 -1.44 15.21 -14.62
CA ILE A 112 -0.61 14.63 -13.56
C ILE A 112 0.48 15.63 -13.20
N SER A 113 0.90 15.56 -11.93
CA SER A 113 1.98 16.40 -11.41
C SER A 113 2.50 15.80 -10.12
N LYS A 114 3.59 16.35 -9.63
CA LYS A 114 4.10 16.01 -8.31
C LYS A 114 2.99 16.38 -7.30
N ALA A 115 2.81 15.59 -6.23
CA ALA A 115 1.88 15.94 -5.17
C ALA A 115 2.16 17.30 -4.63
N LYS A 116 1.11 18.05 -4.36
CA LYS A 116 1.31 19.40 -3.87
C LYS A 116 1.69 19.43 -2.40
N GLY A 117 2.55 20.38 -2.03
CA GLY A 117 2.96 20.52 -0.63
C GLY A 117 4.43 20.88 -0.53
N GLN A 118 4.86 21.29 0.65
CA GLN A 118 6.27 21.66 0.88
C GLN A 118 7.11 20.40 1.06
N PRO A 119 8.19 20.26 0.29
CA PRO A 119 8.98 19.03 0.47
C PRO A 119 9.58 18.97 1.87
N ARG A 120 9.75 17.74 2.38
CA ARG A 120 10.35 17.45 3.68
C ARG A 120 11.40 16.34 3.62
N GLU A 121 12.52 16.60 4.30
CA GLU A 121 13.68 15.74 4.25
C GLU A 121 13.49 14.44 5.01
N PRO A 122 13.72 13.28 4.35
CA PRO A 122 13.74 12.02 5.08
C PRO A 122 14.82 11.92 6.13
N GLN A 123 14.44 11.31 7.24
CA GLN A 123 15.39 10.94 8.28
C GLN A 123 15.53 9.44 8.16
N VAL A 124 16.77 8.95 8.16
CA VAL A 124 17.05 7.54 7.87
C VAL A 124 17.77 6.90 9.07
N TYR A 125 17.25 5.77 9.51
CA TYR A 125 17.74 5.07 10.69
C TYR A 125 17.86 3.60 10.41
N THR A 126 19.01 3.01 10.72
CA THR A 126 19.15 1.57 10.54
C THR A 126 19.05 0.89 11.90
N LEU A 127 18.38 -0.26 11.89
CA LEU A 127 18.13 -1.04 13.10
C LEU A 127 18.55 -2.49 12.88
N PRO A 128 19.37 -3.04 13.78
CA PRO A 128 19.83 -4.41 13.60
C PRO A 128 18.76 -5.40 13.99
N PRO A 129 19.00 -6.67 13.75
CA PRO A 129 18.01 -7.69 14.16
C PRO A 129 17.81 -7.70 15.65
N SER A 130 16.57 -7.95 16.06
CA SER A 130 16.29 -8.38 17.41
C SER A 130 17.15 -9.58 17.80
N ARG A 131 17.63 -9.62 19.04
CA ARG A 131 18.43 -10.76 19.48
C ARG A 131 17.64 -12.06 19.32
N ASP A 132 16.33 -11.99 19.51
CA ASP A 132 15.47 -13.17 19.38
C ASP A 132 15.44 -13.71 17.95
N GLU A 133 15.70 -12.84 16.97
CA GLU A 133 15.52 -13.28 15.60
C GLU A 133 16.60 -14.27 15.14
N TYR A 134 17.71 -14.34 15.86
CA TYR A 134 18.80 -15.22 15.43
C TYR A 134 18.45 -16.70 15.49
N LEU A 135 17.44 -17.04 16.27
CA LEU A 135 16.96 -18.41 16.38
C LEU A 135 16.17 -18.88 15.17
N SER A 136 15.67 -17.95 14.37
CA SER A 136 14.90 -18.30 13.17
C SER A 136 15.80 -18.47 11.92
N ASP A 137 15.18 -18.80 10.79
CA ASP A 137 15.92 -19.18 9.57
C ASP A 137 16.63 -18.00 8.92
N SER A 138 16.36 -16.79 9.42
CA SER A 138 16.99 -15.62 8.86
C SER A 138 16.90 -14.45 9.82
N VAL A 139 17.72 -13.44 9.59
CA VAL A 139 17.58 -12.20 10.31
C VAL A 139 17.31 -11.04 9.37
N SER A 140 16.78 -9.97 9.95
CA SER A 140 16.30 -8.86 9.17
C SER A 140 17.08 -7.60 9.51
N LEU A 141 17.64 -6.95 8.48
CA LEU A 141 18.23 -5.64 8.66
C LEU A 141 17.15 -4.64 8.26
N THR A 142 16.84 -3.73 9.18
CA THR A 142 15.73 -2.79 8.99
C THR A 142 16.24 -1.36 8.72
N CYS A 143 15.60 -0.67 7.78
CA CYS A 143 15.88 0.72 7.50
C CYS A 143 14.58 1.49 7.65
N LEU A 144 14.50 2.38 8.65
CA LEU A 144 13.31 3.22 8.85
C LEU A 144 13.59 4.54 8.14
N VAL A 145 12.68 4.96 7.27
CA VAL A 145 12.82 6.23 6.58
C VAL A 145 11.58 7.04 6.93
N LYS A 146 11.73 8.16 7.66
CA LYS A 146 10.52 8.87 8.12
C LYS A 146 10.61 10.32 7.84
N GLY A 147 9.45 10.96 7.92
CA GLY A 147 9.38 12.41 7.90
C GLY A 147 9.46 13.00 6.52
N PHE A 148 9.25 12.20 5.47
CA PHE A 148 9.42 12.78 4.11
C PHE A 148 8.14 13.20 3.36
N TYR A 149 8.33 14.15 2.43
CA TYR A 149 7.22 14.63 1.59
C TYR A 149 7.85 15.20 0.33
N PRO A 150 7.26 14.95 -0.85
CA PRO A 150 6.13 14.06 -1.14
C PRO A 150 6.58 12.60 -0.99
N SER A 151 5.67 11.64 -1.28
CA SER A 151 5.94 10.23 -1.04
C SER A 151 6.85 9.57 -2.08
N ASP A 152 7.15 10.26 -3.16
CA ASP A 152 8.07 9.74 -4.19
C ASP A 152 9.47 9.56 -3.62
N ILE A 153 9.98 8.34 -3.65
CA ILE A 153 11.24 7.99 -2.99
C ILE A 153 11.77 6.69 -3.59
N ALA A 154 13.10 6.51 -3.50
CA ALA A 154 13.71 5.20 -3.80
C ALA A 154 14.60 4.76 -2.67
N VAL A 155 14.59 3.45 -2.40
CA VAL A 155 15.37 2.86 -1.30
C VAL A 155 16.05 1.61 -1.80
N GLU A 156 17.34 1.48 -1.50
CA GLU A 156 18.15 0.34 -1.96
C GLU A 156 19.09 -0.08 -0.88
N TRP A 157 19.62 -1.31 -1.01
CA TRP A 157 20.64 -1.80 -0.10
C TRP A 157 21.89 -2.22 -0.81
N GLU A 158 23.00 -2.14 -0.11
CA GLU A 158 24.26 -2.62 -0.65
C GLU A 158 25.20 -3.01 0.48
N SER A 159 26.28 -3.71 0.12
CA SER A 159 27.36 -3.96 1.06
C SER A 159 28.63 -4.13 0.27
N ASN A 160 29.72 -3.55 0.76
CA ASN A 160 30.99 -3.56 0.06
C ASN A 160 30.83 -3.03 -1.36
N GLY A 161 30.09 -1.94 -1.47
CA GLY A 161 29.89 -1.24 -2.73
C GLY A 161 29.06 -1.98 -3.75
N GLN A 162 28.54 -3.14 -3.37
CA GLN A 162 27.78 -3.95 -4.31
C GLN A 162 26.33 -4.10 -3.87
N PRO A 163 25.40 -4.09 -4.82
CA PRO A 163 23.99 -4.15 -4.41
C PRO A 163 23.60 -5.44 -3.70
N GLU A 164 22.68 -5.31 -2.75
CA GLU A 164 22.10 -6.49 -2.07
C GLU A 164 20.70 -6.64 -2.60
N ASN A 165 20.35 -7.84 -3.03
CA ASN A 165 19.13 -7.98 -3.81
C ASN A 165 17.91 -8.52 -3.01
N ASN A 166 18.19 -9.23 -1.93
CA ASN A 166 17.14 -9.86 -1.14
C ASN A 166 16.43 -8.91 -0.15
N TYR A 167 15.83 -7.83 -0.66
CA TYR A 167 15.14 -6.87 0.21
C TYR A 167 13.75 -6.56 -0.32
N LYS A 168 12.87 -6.13 0.58
CA LYS A 168 11.53 -5.69 0.24
C LYS A 168 11.26 -4.41 1.00
N THR A 169 10.51 -3.50 0.39
CA THR A 169 10.27 -2.17 0.97
C THR A 169 8.77 -1.94 1.00
N THR A 170 8.28 -1.41 2.12
CA THR A 170 6.85 -1.16 2.23
C THR A 170 6.52 0.04 1.35
N PRO A 171 5.26 0.13 0.92
CA PRO A 171 4.85 1.43 0.38
C PRO A 171 4.98 2.51 1.39
N PRO A 172 5.03 3.75 0.91
CA PRO A 172 4.92 4.81 1.87
C PRO A 172 3.58 4.82 2.57
N VAL A 173 3.68 5.21 3.84
CA VAL A 173 2.50 5.32 4.71
C VAL A 173 2.35 6.73 5.27
N LEU A 174 1.14 7.25 5.15
CA LEU A 174 0.89 8.60 5.70
C LEU A 174 0.92 8.62 7.20
N ASP A 175 1.77 9.48 7.75
CA ASP A 175 1.96 9.61 9.16
C ASP A 175 1.01 10.67 9.73
N SER A 176 0.93 10.74 11.04
CA SER A 176 -0.09 11.58 11.64
C SER A 176 0.22 13.07 11.46
N ASP A 177 1.47 13.41 11.11
CA ASP A 177 1.81 14.83 10.84
C ASP A 177 1.81 15.23 9.37
N GLY A 178 1.30 14.37 8.51
CA GLY A 178 1.17 14.69 7.09
C GLY A 178 2.37 14.34 6.24
N SER A 179 3.47 13.95 6.86
CA SER A 179 4.64 13.40 6.14
C SER A 179 4.41 11.90 5.95
N PHE A 180 5.32 11.24 5.22
CA PHE A 180 5.30 9.82 5.01
C PHE A 180 6.45 9.10 5.70
N PHE A 181 6.23 7.81 5.99
CA PHE A 181 7.34 6.95 6.33
C PHE A 181 7.22 5.61 5.59
N LEU A 182 8.31 4.88 5.59
CA LEU A 182 8.29 3.51 5.16
C LEU A 182 9.39 2.74 5.89
N TYR A 183 9.37 1.42 5.71
CA TYR A 183 10.46 0.59 6.21
C TYR A 183 10.95 -0.28 5.07
N SER A 184 12.24 -0.54 5.04
CA SER A 184 12.81 -1.50 4.10
C SER A 184 13.50 -2.60 4.88
N LYS A 185 13.33 -3.83 4.42
CA LYS A 185 13.86 -5.03 5.10
C LYS A 185 14.76 -5.84 4.20
N LEU A 186 16.02 -5.99 4.64
CA LEU A 186 17.00 -6.82 3.94
C LEU A 186 17.07 -8.13 4.68
N THR A 187 16.77 -9.21 3.99
CA THR A 187 16.82 -10.52 4.61
C THR A 187 18.18 -11.14 4.52
N VAL A 188 18.61 -11.70 5.64
CA VAL A 188 19.92 -12.32 5.76
C VAL A 188 19.77 -13.77 6.19
N PRO A 189 19.66 -14.72 5.23
CA PRO A 189 19.35 -16.12 5.57
C PRO A 189 20.42 -16.79 6.43
N ARG A 190 19.97 -17.60 7.39
CA ARG A 190 20.84 -18.28 8.34
C ARG A 190 22.09 -18.87 7.68
N HIS A 191 21.91 -19.56 6.56
CA HIS A 191 23.08 -20.12 5.86
C HIS A 191 23.17 -19.39 4.53
N SER A 192 24.09 -18.44 4.51
CA SER A 192 24.30 -17.62 3.34
C SER A 192 25.62 -16.85 3.52
N GLU A 193 26.19 -16.40 2.42
CA GLU A 193 27.40 -15.59 2.47
C GLU A 193 27.03 -14.23 3.05
N THR A 194 25.79 -13.82 2.83
CA THR A 194 25.34 -12.56 3.38
C THR A 194 25.35 -12.64 4.91
N MET A 195 24.92 -13.78 5.45
CA MET A 195 24.93 -13.98 6.90
C MET A 195 26.35 -13.96 7.48
N ARG A 196 27.31 -14.50 6.74
CA ARG A 196 28.70 -14.53 7.19
C ARG A 196 29.34 -13.14 7.17
N ARG A 197 28.97 -12.30 6.21
CA ARG A 197 29.42 -10.91 6.19
C ARG A 197 28.89 -10.19 7.41
N TRP A 198 27.60 -10.38 7.70
CA TRP A 198 26.98 -9.72 8.85
C TRP A 198 27.65 -10.16 10.13
N ALA A 199 27.87 -11.46 10.23
CA ALA A 199 28.57 -12.05 11.35
C ALA A 199 30.02 -11.54 11.52
N HIS A 200 30.69 -11.22 10.41
CA HIS A 200 32.08 -10.76 10.48
C HIS A 200 32.21 -9.27 10.82
N GLY A 201 31.08 -8.56 10.83
CA GLY A 201 31.11 -7.15 11.14
C GLY A 201 31.17 -6.31 9.87
N ASN A 202 30.97 -6.96 8.73
CA ASN A 202 30.84 -6.25 7.46
C ASN A 202 29.69 -5.26 7.49
N VAL A 203 29.92 -4.13 6.83
CA VAL A 203 28.98 -3.02 6.80
C VAL A 203 27.97 -3.14 5.68
N PHE A 204 26.69 -2.96 6.04
CA PHE A 204 25.60 -2.89 5.07
C PHE A 204 25.10 -1.44 5.03
N SER A 205 24.53 -0.99 3.90
CA SER A 205 24.11 0.38 3.78
C SER A 205 22.74 0.44 3.17
N CYS A 206 21.89 1.23 3.81
CA CYS A 206 20.57 1.63 3.30
C CYS A 206 20.74 2.98 2.58
N SER A 207 20.44 3.01 1.27
CA SER A 207 20.59 4.20 0.43
C SER A 207 19.21 4.77 0.13
N VAL A 208 19.05 6.08 0.22
CA VAL A 208 17.76 6.70 0.00
C VAL A 208 17.91 7.84 -0.95
N MET A 209 17.02 7.89 -1.95
CA MET A 209 16.98 8.99 -2.94
C MET A 209 15.65 9.72 -2.80
N HIS A 210 15.73 11.04 -2.64
CA HIS A 210 14.53 11.87 -2.39
C HIS A 210 14.89 13.30 -2.71
N GLU A 211 13.94 14.06 -3.25
CA GLU A 211 14.25 15.41 -3.66
C GLU A 211 14.76 16.31 -2.53
N ALA A 212 14.37 16.02 -1.28
CA ALA A 212 14.71 16.95 -0.19
C ALA A 212 16.05 16.58 0.51
N LEU A 213 16.74 15.59 -0.01
CA LEU A 213 18.12 15.30 0.43
C LEU A 213 19.18 16.04 -0.37
N HIS A 214 20.28 16.42 0.30
CA HIS A 214 21.43 16.96 -0.40
C HIS A 214 21.93 15.97 -1.45
N ASN A 215 22.15 16.49 -2.66
CA ASN A 215 22.52 15.66 -3.81
C ASN A 215 21.48 14.56 -4.06
N HIS A 216 20.28 14.75 -3.53
CA HIS A 216 19.17 13.82 -3.66
C HIS A 216 19.51 12.39 -3.18
N TYR A 217 20.46 12.26 -2.28
CA TYR A 217 20.92 10.93 -1.88
C TYR A 217 21.49 10.94 -0.49
N THR A 218 21.21 9.88 0.28
CA THR A 218 21.96 9.69 1.50
C THR A 218 22.11 8.20 1.74
N GLN A 219 23.14 7.82 2.50
CA GLN A 219 23.34 6.41 2.92
C GLN A 219 23.48 6.34 4.41
N LYS A 220 22.92 5.29 5.01
CA LYS A 220 23.11 5.09 6.41
C LYS A 220 23.63 3.66 6.56
N SER A 221 24.68 3.48 7.34
CA SER A 221 25.35 2.20 7.44
C SER A 221 24.91 1.42 8.69
N LEU A 222 25.15 0.11 8.65
CA LEU A 222 24.75 -0.81 9.70
C LEU A 222 25.76 -1.93 9.80
N SER A 223 26.21 -2.24 11.01
CA SER A 223 27.09 -3.38 11.19
C SER A 223 26.95 -3.95 12.59
N LEU A 224 27.42 -5.18 12.75
CA LEU A 224 27.26 -5.91 14.00
C LEU A 224 28.23 -5.46 15.09
N GLY B 13 -25.28 1.77 -16.57
CA GLY B 13 -25.63 0.79 -15.55
C GLY B 13 -24.74 0.87 -14.31
N PRO B 14 -25.24 0.39 -13.15
CA PRO B 14 -24.53 0.41 -11.85
C PRO B 14 -23.36 -0.60 -11.76
N SER B 15 -22.55 -0.48 -10.70
CA SER B 15 -21.40 -1.37 -10.45
C SER B 15 -21.44 -1.96 -9.03
N VAL B 16 -20.83 -3.12 -8.87
CA VAL B 16 -20.88 -3.86 -7.60
C VAL B 16 -19.51 -4.22 -7.03
N PHE B 17 -19.34 -4.01 -5.73
CA PHE B 17 -18.10 -4.33 -5.03
C PHE B 17 -18.38 -5.11 -3.76
N LEU B 18 -17.63 -6.18 -3.53
CA LEU B 18 -17.87 -7.10 -2.40
C LEU B 18 -16.68 -7.20 -1.45
N PHE B 19 -16.90 -6.98 -0.15
CA PHE B 19 -15.83 -6.84 0.84
C PHE B 19 -15.82 -7.88 1.95
N PRO B 20 -14.62 -8.32 2.36
CA PRO B 20 -14.45 -9.30 3.43
C PRO B 20 -14.66 -8.68 4.79
N PRO B 21 -14.69 -9.50 5.84
CA PRO B 21 -14.73 -9.00 7.21
C PRO B 21 -13.40 -8.39 7.63
N LYS B 22 -13.42 -7.54 8.66
CA LYS B 22 -12.19 -7.07 9.29
C LYS B 22 -11.45 -8.24 9.94
N PRO B 23 -10.11 -8.30 9.80
CA PRO B 23 -9.38 -9.42 10.41
C PRO B 23 -9.63 -9.65 11.90
N LYS B 24 -9.74 -8.56 12.66
CA LYS B 24 -9.93 -8.67 14.10
C LYS B 24 -11.28 -9.36 14.39
N ASP B 25 -12.27 -9.12 13.52
CA ASP B 25 -13.65 -9.56 13.78
C ASP B 25 -13.75 -11.10 13.67
N THR B 26 -12.93 -11.74 12.82
CA THR B 26 -13.08 -13.17 12.62
C THR B 26 -12.33 -13.97 13.68
N LEU B 27 -11.47 -13.30 14.43
CA LEU B 27 -10.57 -13.99 15.32
C LEU B 27 -11.04 -14.05 16.79
N MET B 28 -12.09 -13.32 17.10
CA MET B 28 -12.66 -13.28 18.45
C MET B 28 -14.14 -13.51 18.34
N ILE B 29 -14.61 -14.54 19.02
CA ILE B 29 -15.98 -14.98 18.88
C ILE B 29 -16.93 -13.92 19.44
N SER B 30 -16.42 -13.06 20.30
CA SER B 30 -17.23 -12.00 20.88
C SER B 30 -17.57 -10.90 19.86
N ARG B 31 -16.80 -10.86 18.76
CA ARG B 31 -16.99 -9.86 17.71
C ARG B 31 -17.87 -10.40 16.58
N THR B 32 -18.35 -9.50 15.71
CA THR B 32 -19.35 -9.81 14.69
C THR B 32 -18.75 -9.54 13.31
N PRO B 33 -18.22 -10.59 12.70
CA PRO B 33 -17.64 -10.44 11.37
C PRO B 33 -18.73 -10.34 10.29
N GLU B 34 -18.53 -9.46 9.29
CA GLU B 34 -19.51 -9.22 8.23
C GLU B 34 -18.87 -9.19 6.83
N VAL B 35 -19.62 -9.71 5.85
CA VAL B 35 -19.33 -9.50 4.44
C VAL B 35 -20.31 -8.46 3.91
N THR B 36 -19.80 -7.54 3.12
CA THR B 36 -20.57 -6.40 2.67
C THR B 36 -20.58 -6.21 1.16
N CYS B 37 -21.78 -6.10 0.61
CA CYS B 37 -21.99 -5.93 -0.82
C CYS B 37 -22.44 -4.51 -1.14
N VAL B 38 -21.63 -3.79 -1.92
CA VAL B 38 -21.82 -2.35 -2.16
C VAL B 38 -22.19 -2.07 -3.61
N VAL B 39 -23.26 -1.32 -3.82
CA VAL B 39 -23.69 -1.02 -5.18
C VAL B 39 -23.55 0.47 -5.46
N VAL B 40 -22.84 0.79 -6.53
CA VAL B 40 -22.55 2.17 -6.91
C VAL B 40 -23.25 2.51 -8.24
N ASP B 41 -23.32 3.80 -8.57
CA ASP B 41 -23.89 4.25 -9.84
C ASP B 41 -25.32 3.75 -10.07
N VAL B 42 -26.14 3.72 -9.03
CA VAL B 42 -27.57 3.43 -9.21
C VAL B 42 -28.30 4.76 -9.40
N SER B 43 -29.09 4.85 -10.48
CA SER B 43 -29.72 6.10 -10.87
C SER B 43 -31.09 6.28 -10.25
N HIS B 44 -31.60 7.50 -10.36
CA HIS B 44 -32.94 7.81 -9.94
C HIS B 44 -33.96 7.07 -10.79
N GLU B 45 -33.71 7.01 -12.10
CA GLU B 45 -34.63 6.43 -13.06
C GLU B 45 -34.92 4.96 -12.82
N ASP B 46 -33.88 4.20 -12.45
CA ASP B 46 -34.05 2.80 -12.07
C ASP B 46 -33.43 2.65 -10.69
N PRO B 47 -34.19 2.98 -9.63
CA PRO B 47 -33.62 3.04 -8.29
C PRO B 47 -33.71 1.74 -7.46
N GLU B 48 -34.54 0.78 -7.89
CA GLU B 48 -34.73 -0.44 -7.13
C GLU B 48 -33.59 -1.45 -7.32
N VAL B 49 -33.07 -1.98 -6.20
CA VAL B 49 -32.00 -3.00 -6.20
C VAL B 49 -32.37 -4.21 -5.32
N LYS B 50 -32.18 -5.41 -5.85
CA LYS B 50 -32.43 -6.64 -5.10
C LYS B 50 -31.14 -7.38 -4.82
N PHE B 51 -31.06 -7.97 -3.63
CA PHE B 51 -29.97 -8.88 -3.25
C PHE B 51 -30.39 -10.34 -3.06
N ASN B 52 -29.58 -11.26 -3.52
CA ASN B 52 -29.62 -12.65 -3.05
C ASN B 52 -28.24 -13.06 -2.51
N TRP B 53 -28.20 -13.76 -1.36
CA TRP B 53 -26.93 -14.26 -0.82
C TRP B 53 -26.85 -15.77 -0.78
N TYR B 54 -25.65 -16.28 -1.08
CA TYR B 54 -25.37 -17.71 -1.10
C TYR B 54 -24.08 -18.00 -0.37
N VAL B 55 -24.06 -19.10 0.39
CA VAL B 55 -22.86 -19.58 1.07
C VAL B 55 -22.47 -20.95 0.56
N ASP B 56 -21.30 -21.05 -0.07
CA ASP B 56 -20.95 -22.24 -0.85
C ASP B 56 -22.15 -22.62 -1.70
N GLY B 57 -22.75 -21.58 -2.30
CA GLY B 57 -23.83 -21.74 -3.24
C GLY B 57 -25.21 -21.90 -2.60
N VAL B 58 -25.25 -22.07 -1.29
CA VAL B 58 -26.54 -22.27 -0.63
C VAL B 58 -27.17 -20.96 -0.21
N GLU B 59 -28.41 -20.75 -0.61
CA GLU B 59 -29.05 -19.48 -0.33
C GLU B 59 -29.21 -19.39 1.19
N VAL B 60 -28.87 -18.24 1.75
CA VAL B 60 -29.09 -17.98 3.16
C VAL B 60 -29.97 -16.77 3.19
N HIS B 61 -30.73 -16.64 4.26
CA HIS B 61 -31.85 -15.72 4.30
C HIS B 61 -31.69 -14.72 5.42
N ASN B 62 -30.49 -14.66 5.99
CA ASN B 62 -30.26 -13.84 7.17
C ASN B 62 -29.52 -12.52 6.95
N ALA B 63 -29.28 -12.16 5.69
CA ALA B 63 -28.70 -10.86 5.36
C ALA B 63 -29.65 -9.71 5.61
N LYS B 64 -29.09 -8.53 5.83
CA LYS B 64 -29.88 -7.33 6.08
C LYS B 64 -29.43 -6.17 5.17
N THR B 65 -30.39 -5.50 4.53
CA THR B 65 -30.08 -4.39 3.62
C THR B 65 -30.17 -3.04 4.33
N LYS B 66 -29.13 -2.21 4.20
CA LYS B 66 -29.21 -0.86 4.77
C LYS B 66 -30.01 0.10 3.87
N PRO B 67 -30.65 1.10 4.47
CA PRO B 67 -31.21 2.15 3.60
C PRO B 67 -30.09 2.94 2.90
N ARG B 68 -30.40 3.46 1.71
CA ARG B 68 -29.42 4.06 0.79
C ARG B 68 -28.97 5.51 1.08
N GLU B 69 -27.83 5.88 0.51
CA GLU B 69 -27.25 7.21 0.64
C GLU B 69 -27.07 7.85 -0.74
N GLU B 70 -27.77 8.95 -1.02
CA GLU B 70 -27.58 9.64 -2.30
C GLU B 70 -26.23 10.34 -2.31
N GLN B 71 -25.50 10.24 -3.42
CA GLN B 71 -24.17 10.84 -3.52
C GLN B 71 -24.18 12.20 -4.19
N TYR B 72 -23.10 12.94 -3.98
CA TYR B 72 -23.02 14.33 -4.41
C TYR B 72 -22.99 14.43 -5.93
N ASN B 73 -22.73 13.31 -6.60
CA ASN B 73 -22.77 13.26 -8.07
C ASN B 73 -24.14 12.75 -8.56
N SER B 74 -25.15 12.88 -7.70
CA SER B 74 -26.55 12.60 -8.06
C SER B 74 -26.81 11.13 -8.37
N THR B 75 -25.90 10.26 -7.93
CA THR B 75 -26.14 8.83 -7.92
C THR B 75 -26.46 8.33 -6.51
N TYR B 76 -26.93 7.10 -6.42
CA TYR B 76 -27.21 6.49 -5.12
C TYR B 76 -26.21 5.39 -4.80
N ARG B 77 -26.05 5.14 -3.51
CA ARG B 77 -25.26 4.01 -3.05
C ARG B 77 -26.18 3.12 -2.23
N VAL B 78 -26.12 1.84 -2.49
CA VAL B 78 -26.95 0.83 -1.80
C VAL B 78 -26.12 -0.37 -1.32
N VAL B 79 -26.38 -0.84 -0.09
CA VAL B 79 -25.58 -1.92 0.51
C VAL B 79 -26.39 -2.99 1.26
N SER B 80 -25.89 -4.22 1.18
CA SER B 80 -26.37 -5.33 1.98
C SER B 80 -25.24 -5.93 2.83
N VAL B 81 -25.54 -6.15 4.11
CA VAL B 81 -24.59 -6.67 5.08
C VAL B 81 -25.01 -8.04 5.57
N LEU B 82 -24.12 -9.01 5.40
CA LEU B 82 -24.31 -10.37 5.86
C LEU B 82 -23.36 -10.72 7.00
N THR B 83 -23.91 -11.12 8.14
CA THR B 83 -23.09 -11.64 9.24
C THR B 83 -22.60 -13.04 8.92
N VAL B 84 -21.34 -13.33 9.23
CA VAL B 84 -20.79 -14.66 9.00
C VAL B 84 -20.34 -15.34 10.27
N LEU B 85 -20.29 -16.66 10.24
CA LEU B 85 -19.72 -17.39 11.35
C LEU B 85 -18.24 -17.41 11.24
N HIS B 86 -17.59 -17.08 12.36
CA HIS B 86 -16.16 -17.00 12.41
C HIS B 86 -15.53 -18.22 11.74
N GLN B 87 -16.03 -19.41 12.07
CA GLN B 87 -15.34 -20.60 11.59
C GLN B 87 -15.66 -20.91 10.12
N ASP B 88 -16.84 -20.51 9.64
CA ASP B 88 -17.15 -20.60 8.22
C ASP B 88 -16.15 -19.80 7.42
N TRP B 89 -15.90 -18.58 7.88
CA TRP B 89 -14.95 -17.74 7.15
C TRP B 89 -13.56 -18.35 7.22
N LEU B 90 -13.13 -18.76 8.40
CA LEU B 90 -11.76 -19.23 8.55
C LEU B 90 -11.57 -20.59 7.85
N ASN B 91 -12.66 -21.33 7.67
CA ASN B 91 -12.60 -22.60 6.91
C ASN B 91 -12.72 -22.44 5.41
N GLY B 92 -12.70 -21.22 4.92
CA GLY B 92 -12.67 -20.98 3.47
C GLY B 92 -13.98 -21.00 2.72
N LYS B 93 -15.10 -20.88 3.42
CA LYS B 93 -16.37 -20.94 2.71
C LYS B 93 -16.47 -19.76 1.74
N GLU B 94 -17.25 -19.91 0.68
CA GLU B 94 -17.42 -18.86 -0.33
C GLU B 94 -18.74 -18.11 -0.19
N TYR B 95 -18.69 -16.78 -0.21
CA TYR B 95 -19.85 -15.92 -0.05
C TYR B 95 -20.15 -15.18 -1.37
N LYS B 96 -21.34 -15.42 -1.93
CA LYS B 96 -21.75 -14.83 -3.21
C LYS B 96 -22.87 -13.79 -3.05
N CYS B 97 -22.68 -12.61 -3.62
CA CYS B 97 -23.70 -11.57 -3.66
C CYS B 97 -24.26 -11.38 -5.08
N LYS B 98 -25.58 -11.47 -5.25
CA LYS B 98 -26.24 -11.28 -6.55
C LYS B 98 -27.11 -10.03 -6.54
N VAL B 99 -26.84 -9.10 -7.45
CA VAL B 99 -27.49 -7.79 -7.49
C VAL B 99 -28.35 -7.69 -8.75
N SER B 100 -29.63 -7.33 -8.59
CA SER B 100 -30.57 -7.19 -9.73
C SER B 100 -31.13 -5.76 -9.86
N ASN B 101 -31.27 -5.30 -11.10
CA ASN B 101 -31.68 -3.91 -11.40
C ASN B 101 -32.10 -3.71 -12.88
N LYS B 102 -33.12 -2.88 -13.10
CA LYS B 102 -33.70 -2.68 -14.43
C LYS B 102 -32.71 -2.09 -15.43
N ALA B 103 -31.71 -1.38 -14.93
CA ALA B 103 -30.73 -0.72 -15.81
C ALA B 103 -29.58 -1.63 -16.25
N LEU B 104 -29.55 -2.85 -15.74
CA LEU B 104 -28.50 -3.80 -16.09
C LEU B 104 -29.02 -4.83 -17.09
N PRO B 105 -28.17 -5.31 -18.02
CA PRO B 105 -28.55 -6.36 -18.97
C PRO B 105 -28.87 -7.70 -18.28
N ALA B 106 -28.12 -8.02 -17.24
CA ALA B 106 -28.31 -9.24 -16.47
C ALA B 106 -27.78 -9.02 -15.04
N PRO B 107 -28.20 -9.87 -14.09
CA PRO B 107 -27.76 -9.61 -12.70
C PRO B 107 -26.25 -9.71 -12.57
N ILE B 108 -25.68 -8.97 -11.63
CA ILE B 108 -24.25 -9.02 -11.37
C ILE B 108 -23.96 -9.96 -10.19
N GLU B 109 -23.00 -10.85 -10.36
CA GLU B 109 -22.56 -11.70 -9.26
C GLU B 109 -21.13 -11.36 -8.86
N LYS B 110 -20.89 -11.27 -7.56
CA LYS B 110 -19.50 -11.20 -7.07
C LYS B 110 -19.34 -12.23 -5.95
N THR B 111 -18.17 -12.87 -5.87
CA THR B 111 -17.88 -13.89 -4.85
C THR B 111 -16.59 -13.57 -4.11
N ILE B 112 -16.54 -13.95 -2.84
CA ILE B 112 -15.36 -13.72 -2.01
C ILE B 112 -15.16 -14.84 -0.99
N SER B 113 -13.92 -15.04 -0.59
CA SER B 113 -13.55 -16.01 0.43
C SER B 113 -12.16 -15.71 0.96
N LYS B 114 -11.78 -16.35 2.04
CA LYS B 114 -10.46 -16.19 2.61
C LYS B 114 -9.40 -16.70 1.65
N ALA B 115 -8.25 -16.04 1.62
CA ALA B 115 -7.12 -16.55 0.84
C ALA B 115 -6.83 -18.01 1.21
N LYS B 116 -6.54 -18.76 0.15
CA LYS B 116 -6.24 -20.19 0.28
C LYS B 116 -4.78 -20.49 0.61
N GLY B 117 -4.56 -21.51 1.42
CA GLY B 117 -3.23 -22.00 1.71
C GLY B 117 -3.07 -22.18 3.22
N GLN B 118 -1.99 -22.87 3.56
CA GLN B 118 -1.63 -23.20 4.91
C GLN B 118 -1.31 -21.93 5.68
N PRO B 119 -2.03 -21.69 6.79
CA PRO B 119 -1.67 -20.51 7.56
C PRO B 119 -0.28 -20.68 8.20
N ARG B 120 0.41 -19.56 8.29
CA ARG B 120 1.70 -19.52 8.89
C ARG B 120 1.76 -18.46 10.04
N GLU B 121 2.36 -18.90 11.14
CA GLU B 121 2.46 -18.05 12.36
C GLU B 121 3.35 -16.81 12.20
N PRO B 122 2.82 -15.62 12.53
CA PRO B 122 3.72 -14.47 12.58
C PRO B 122 4.79 -14.60 13.63
N GLN B 123 5.97 -14.09 13.29
CA GLN B 123 7.05 -13.94 14.26
C GLN B 123 7.18 -12.46 14.52
N VAL B 124 7.28 -12.05 15.78
CA VAL B 124 7.13 -10.66 16.20
C VAL B 124 8.39 -10.23 16.95
N TYR B 125 8.93 -9.10 16.54
CA TYR B 125 10.19 -8.61 17.04
C TYR B 125 10.05 -7.10 17.31
N THR B 126 10.41 -6.69 18.50
CA THR B 126 10.40 -5.27 18.79
C THR B 126 11.84 -4.77 18.70
N LEU B 127 11.98 -3.55 18.16
CA LEU B 127 13.25 -2.91 17.93
C LEU B 127 13.16 -1.52 18.52
N PRO B 128 14.13 -1.13 19.35
CA PRO B 128 14.08 0.20 19.97
C PRO B 128 14.50 1.27 18.99
N PRO B 129 14.38 2.54 19.38
CA PRO B 129 14.89 3.59 18.49
C PRO B 129 16.39 3.49 18.24
N SER B 130 16.82 3.82 17.03
CA SER B 130 18.22 4.17 16.76
C SER B 130 18.72 5.25 17.72
N ARG B 131 19.96 5.12 18.20
CA ARG B 131 20.55 6.13 19.08
C ARG B 131 20.48 7.48 18.41
N ASP B 132 20.60 7.49 17.08
CA ASP B 132 20.57 8.74 16.33
C ASP B 132 19.23 9.47 16.35
N GLU B 133 18.15 8.71 16.58
CA GLU B 133 16.82 9.29 16.49
C GLU B 133 16.49 10.19 17.69
N TYR B 134 17.26 10.07 18.76
CA TYR B 134 16.98 10.84 19.97
C TYR B 134 17.26 12.33 19.69
N LEU B 135 18.02 12.62 18.65
CA LEU B 135 18.30 14.01 18.28
C LEU B 135 17.11 14.70 17.65
N SER B 136 16.22 13.92 17.06
CA SER B 136 15.09 14.48 16.34
C SER B 136 13.90 14.73 17.26
N ASP B 137 12.80 15.14 16.63
CA ASP B 137 11.57 15.59 17.28
C ASP B 137 10.81 14.45 17.99
N SER B 138 11.20 13.22 17.72
CA SER B 138 10.54 12.07 18.32
C SER B 138 11.38 10.83 18.16
N VAL B 139 11.05 9.76 18.90
CA VAL B 139 11.62 8.46 18.66
C VAL B 139 10.52 7.48 18.29
N SER B 140 10.95 6.39 17.68
CA SER B 140 10.04 5.44 17.09
C SER B 140 10.25 4.09 17.75
N LEU B 141 9.21 3.47 18.30
CA LEU B 141 9.28 2.10 18.75
C LEU B 141 8.76 1.26 17.60
N THR B 142 9.57 0.30 17.17
CA THR B 142 9.29 -0.48 15.95
C THR B 142 8.87 -1.92 16.27
N CYS B 143 7.85 -2.41 15.56
CA CYS B 143 7.40 -3.78 15.71
C CYS B 143 7.45 -4.40 14.31
N LEU B 144 8.33 -5.38 14.12
CA LEU B 144 8.42 -6.16 12.86
C LEU B 144 7.61 -7.42 13.04
N VAL B 145 6.70 -7.66 12.11
CA VAL B 145 5.88 -8.86 12.12
C VAL B 145 6.15 -9.58 10.82
N LYS B 146 6.72 -10.79 10.86
CA LYS B 146 7.14 -11.42 9.61
C LYS B 146 6.68 -12.86 9.55
N GLY B 147 6.70 -13.38 8.33
CA GLY B 147 6.45 -14.80 8.13
C GLY B 147 5.01 -15.26 8.21
N PHE B 148 4.03 -14.35 8.14
CA PHE B 148 2.64 -14.76 8.30
C PHE B 148 1.84 -14.98 7.02
N TYR B 149 0.83 -15.85 7.11
CA TYR B 149 -0.09 -16.15 6.00
C TYR B 149 -1.37 -16.65 6.59
N PRO B 150 -2.53 -16.25 6.07
CA PRO B 150 -2.72 -15.23 5.02
C PRO B 150 -2.38 -13.82 5.55
N SER B 151 -2.60 -12.80 4.71
CA SER B 151 -2.14 -11.43 5.02
C SER B 151 -3.09 -10.75 6.04
N ASP B 152 -4.25 -11.35 6.32
CA ASP B 152 -5.18 -10.84 7.31
C ASP B 152 -4.58 -10.80 8.70
N ILE B 153 -4.48 -9.60 9.29
CA ILE B 153 -3.81 -9.49 10.56
C ILE B 153 -4.24 -8.14 11.22
N ALA B 154 -4.14 -8.10 12.54
CA ALA B 154 -4.37 -6.85 13.27
C ALA B 154 -3.23 -6.60 14.25
N VAL B 155 -2.81 -5.34 14.35
CA VAL B 155 -1.72 -5.01 15.25
C VAL B 155 -2.08 -3.75 16.05
N GLU B 156 -1.80 -3.79 17.35
CA GLU B 156 -2.09 -2.66 18.26
C GLU B 156 -0.93 -2.49 19.22
N TRP B 157 -0.85 -1.35 19.92
CA TRP B 157 0.17 -1.14 20.93
C TRP B 157 -0.46 -0.79 22.28
N GLU B 158 0.22 -1.09 23.36
CA GLU B 158 -0.28 -0.70 24.63
C GLU B 158 0.87 -0.54 25.60
N SER B 159 0.58 0.04 26.76
CA SER B 159 1.53 0.06 27.85
C SER B 159 0.76 0.11 29.18
N ASN B 160 1.22 -0.63 30.19
CA ASN B 160 0.51 -0.74 31.48
C ASN B 160 -0.96 -1.14 31.26
N GLY B 161 -1.17 -2.05 30.31
CA GLY B 161 -2.48 -2.55 29.97
C GLY B 161 -3.40 -1.53 29.33
N GLN B 162 -2.89 -0.33 29.03
CA GLN B 162 -3.72 0.73 28.46
C GLN B 162 -3.31 0.95 27.01
N PRO B 163 -4.30 1.18 26.13
CA PRO B 163 -3.92 1.28 24.71
C PRO B 163 -3.07 2.53 24.42
N GLU B 164 -2.10 2.39 23.51
CA GLU B 164 -1.29 3.52 23.03
C GLU B 164 -1.72 3.78 21.63
N ASN B 165 -2.14 4.98 21.31
CA ASN B 165 -2.79 5.17 20.02
C ASN B 165 -1.97 5.90 18.96
N ASN B 166 -0.86 6.51 19.34
CA ASN B 166 -0.08 7.26 18.36
C ASN B 166 0.80 6.36 17.48
N TYR B 167 0.18 5.43 16.78
CA TYR B 167 0.91 4.48 15.95
C TYR B 167 0.32 4.37 14.56
N LYS B 168 1.18 3.92 13.64
CA LYS B 168 0.77 3.64 12.26
C LYS B 168 1.38 2.33 11.86
N THR B 169 0.64 1.56 11.06
CA THR B 169 1.08 0.25 10.64
C THR B 169 1.05 0.15 9.11
N THR B 170 2.12 -0.39 8.54
CA THR B 170 2.17 -0.53 7.11
C THR B 170 1.18 -1.63 6.66
N PRO B 171 0.75 -1.53 5.41
CA PRO B 171 0.05 -2.71 4.86
C PRO B 171 0.95 -3.93 4.88
N PRO B 172 0.36 -5.12 4.81
CA PRO B 172 1.20 -6.28 4.58
C PRO B 172 1.87 -6.23 3.23
N VAL B 173 3.07 -6.74 3.21
CA VAL B 173 3.91 -6.81 2.03
C VAL B 173 4.29 -8.27 1.74
N LEU B 174 4.12 -8.66 0.47
CA LEU B 174 4.49 -10.03 0.09
C LEU B 174 6.01 -10.21 0.11
N ASP B 175 6.47 -11.17 0.89
CA ASP B 175 7.90 -11.46 1.01
C ASP B 175 8.34 -12.50 -0.05
N SER B 176 9.64 -12.70 -0.17
CA SER B 176 10.10 -13.50 -1.29
C SER B 176 9.75 -14.96 -1.13
N ASP B 177 9.36 -15.39 0.07
CA ASP B 177 8.95 -16.79 0.28
C ASP B 177 7.43 -17.01 0.27
N GLY B 178 6.66 -15.98 -0.12
CA GLY B 178 5.24 -16.15 -0.25
C GLY B 178 4.50 -15.87 1.06
N SER B 179 5.24 -15.65 2.13
CA SER B 179 4.62 -15.16 3.36
C SER B 179 4.53 -13.63 3.31
N PHE B 180 3.91 -13.02 4.31
CA PHE B 180 3.80 -11.53 4.41
C PHE B 180 4.58 -10.99 5.59
N PHE B 181 4.98 -9.72 5.51
CA PHE B 181 5.48 -9.03 6.68
C PHE B 181 4.87 -7.63 6.69
N LEU B 182 4.97 -6.99 7.85
CA LEU B 182 4.66 -5.56 7.96
C LEU B 182 5.53 -5.02 9.11
N TYR B 183 5.53 -3.70 9.23
CA TYR B 183 6.08 -3.03 10.37
C TYR B 183 5.01 -2.14 11.00
N SER B 184 5.06 -2.02 12.32
CA SER B 184 4.21 -1.02 13.03
C SER B 184 5.12 -0.08 13.81
N LYS B 185 4.78 1.20 13.75
CA LYS B 185 5.59 2.25 14.33
C LYS B 185 4.79 3.04 15.37
N LEU B 186 5.28 3.03 16.60
CA LEU B 186 4.69 3.82 17.68
C LEU B 186 5.57 5.05 17.88
N THR B 187 4.98 6.22 17.71
CA THR B 187 5.69 7.47 17.84
C THR B 187 5.70 7.96 19.27
N VAL B 188 6.89 8.37 19.71
CA VAL B 188 7.12 8.88 21.06
C VAL B 188 7.74 10.28 20.99
N PRO B 189 6.90 11.33 21.05
CA PRO B 189 7.41 12.70 20.84
C PRO B 189 8.44 13.15 21.87
N ARG B 190 9.42 13.91 21.42
CA ARG B 190 10.52 14.37 22.27
C ARG B 190 10.05 14.83 23.64
N HIS B 191 9.00 15.63 23.67
CA HIS B 191 8.46 16.10 24.94
C HIS B 191 7.04 15.57 25.13
N SER B 192 6.91 14.52 25.94
CA SER B 192 5.62 13.90 26.23
C SER B 192 5.76 12.99 27.45
N GLU B 193 4.63 12.66 28.07
CA GLU B 193 4.63 11.73 29.20
C GLU B 193 4.99 10.33 28.69
N THR B 194 4.61 10.04 27.45
CA THR B 194 4.96 8.75 26.89
C THR B 194 6.50 8.72 26.75
N MET B 195 7.15 9.81 26.33
CA MET B 195 8.63 9.83 26.31
C MET B 195 9.21 9.65 27.73
N ARG B 196 8.54 10.23 28.72
CA ARG B 196 9.00 10.10 30.10
C ARG B 196 8.85 8.67 30.64
N ARG B 197 7.79 7.97 30.22
CA ARG B 197 7.65 6.57 30.55
C ARG B 197 8.74 5.69 29.90
N TRP B 198 9.01 5.94 28.60
CA TRP B 198 10.07 5.22 27.87
C TRP B 198 11.42 5.48 28.52
N ALA B 199 11.69 6.74 28.81
CA ALA B 199 12.91 7.12 29.51
C ALA B 199 13.00 6.44 30.88
N HIS B 200 11.86 6.26 31.53
CA HIS B 200 11.86 5.67 32.87
C HIS B 200 11.93 4.15 32.86
N GLY B 201 11.78 3.50 31.70
CA GLY B 201 11.88 2.05 31.61
C GLY B 201 10.55 1.30 31.59
N ASN B 202 9.46 2.04 31.43
CA ASN B 202 8.15 1.44 31.22
C ASN B 202 8.14 0.51 30.02
N VAL B 203 7.39 -0.57 30.14
CA VAL B 203 7.29 -1.56 29.08
C VAL B 203 6.15 -1.18 28.13
N PHE B 204 6.45 -1.15 26.83
CA PHE B 204 5.45 -0.96 25.81
C PHE B 204 5.28 -2.32 25.13
N SER B 205 4.11 -2.62 24.58
CA SER B 205 3.87 -3.91 23.96
C SER B 205 3.20 -3.77 22.62
N CYS B 206 3.72 -4.56 21.69
CA CYS B 206 3.17 -4.74 20.34
C CYS B 206 2.29 -5.98 20.38
N SER B 207 0.99 -5.81 20.13
CA SER B 207 0.04 -6.93 20.19
C SER B 207 -0.38 -7.33 18.79
N VAL B 208 -0.39 -8.62 18.50
CA VAL B 208 -0.70 -9.11 17.17
C VAL B 208 -1.79 -10.17 17.24
N MET B 209 -2.77 -10.02 16.35
CA MET B 209 -3.86 -10.98 16.22
C MET B 209 -3.80 -11.57 14.83
N HIS B 210 -3.83 -12.91 14.77
CA HIS B 210 -3.68 -13.67 13.54
C HIS B 210 -4.17 -15.09 13.79
N GLU B 211 -4.83 -15.66 12.78
CA GLU B 211 -5.46 -16.97 12.92
C GLU B 211 -4.45 -18.08 13.33
N ALA B 212 -3.19 -17.91 12.91
CA ALA B 212 -2.22 -19.00 13.15
C ALA B 212 -1.46 -18.92 14.48
N LEU B 213 -1.77 -17.94 15.31
CA LEU B 213 -1.23 -17.84 16.68
C LEU B 213 -2.11 -18.62 17.63
N HIS B 214 -1.50 -19.25 18.64
CA HIS B 214 -2.25 -19.88 19.69
C HIS B 214 -3.14 -18.81 20.36
N ASN B 215 -4.43 -19.15 20.54
CA ASN B 215 -5.42 -18.19 21.05
C ASN B 215 -5.55 -16.92 20.19
N HIS B 216 -5.10 -16.99 18.94
CA HIS B 216 -5.14 -15.93 17.94
C HIS B 216 -4.48 -14.64 18.34
N TYR B 217 -3.51 -14.70 19.25
CA TYR B 217 -2.97 -13.51 19.82
C TYR B 217 -1.57 -13.73 20.39
N THR B 218 -0.71 -12.73 20.24
CA THR B 218 0.57 -12.72 20.97
C THR B 218 0.99 -11.27 21.23
N GLN B 219 1.83 -11.09 22.25
CA GLN B 219 2.37 -9.76 22.59
C GLN B 219 3.87 -9.88 22.69
N LYS B 220 4.55 -8.84 22.27
CA LYS B 220 5.97 -8.72 22.49
C LYS B 220 6.30 -7.39 23.17
N SER B 221 7.14 -7.45 24.19
CA SER B 221 7.42 -6.28 25.02
C SER B 221 8.68 -5.55 24.56
N LEU B 222 8.79 -4.27 24.91
CA LEU B 222 9.92 -3.43 24.58
C LEU B 222 10.13 -2.39 25.69
N SER B 223 11.37 -2.23 26.19
CA SER B 223 11.64 -1.25 27.22
C SER B 223 13.10 -0.79 27.14
N LEU B 224 13.42 0.33 27.77
CA LEU B 224 14.73 0.93 27.62
C LEU B 224 15.80 0.26 28.46
C1 NAG C . -8.08 -5.15 -24.36
C2 NAG C . -8.85 -4.71 -23.13
C3 NAG C . -8.14 -3.55 -22.43
C4 NAG C . -6.70 -3.89 -22.11
C5 NAG C . -5.94 -4.54 -23.28
C6 NAG C . -4.76 -5.30 -22.72
C7 NAG C . -11.23 -5.20 -23.32
C8 NAG C . -12.58 -4.67 -23.65
N2 NAG C . -10.21 -4.34 -23.44
O3 NAG C . -8.85 -3.33 -21.22
O4 NAG C . -6.00 -2.71 -21.74
O5 NAG C . -6.74 -5.50 -24.00
O6 NAG C . -3.62 -5.32 -23.57
O7 NAG C . -11.03 -6.37 -23.00
C1 NAG C . -5.99 -2.56 -20.30
C2 NAG C . -4.69 -1.84 -19.91
C3 NAG C . -4.67 -1.58 -18.39
C4 NAG C . -5.93 -0.86 -17.95
C5 NAG C . -7.15 -1.62 -18.47
C6 NAG C . -8.45 -0.92 -18.21
C7 NAG C . -2.57 -2.16 -21.11
C8 NAG C . -1.49 -3.15 -21.46
N2 NAG C . -3.55 -2.63 -20.34
O3 NAG C . -3.52 -0.80 -18.09
O4 NAG C . -6.08 -0.89 -16.53
O5 NAG C . -7.08 -1.80 -19.89
O6 NAG C . -9.50 -1.76 -18.70
O7 NAG C . -2.55 -0.98 -21.52
C1 BMA C . -5.38 0.17 -15.84
C2 BMA C . -6.23 0.54 -14.62
C3 BMA C . -5.50 1.55 -13.75
C4 BMA C . -4.07 1.12 -13.48
C5 BMA C . -3.35 0.73 -14.76
C6 BMA C . -2.01 0.20 -14.46
O2 BMA C . -6.39 -0.67 -13.83
O3 BMA C . -6.14 1.72 -12.48
O4 BMA C . -3.36 2.20 -12.92
O5 BMA C . -4.13 -0.29 -15.45
O6 BMA C . -1.35 -0.02 -15.70
C1 MAN C . -6.69 3.03 -12.33
C2 MAN C . -6.87 3.35 -10.83
C3 MAN C . -7.87 2.36 -10.26
C4 MAN C . -9.19 2.49 -11.00
C5 MAN C . -8.94 2.20 -12.51
C6 MAN C . -10.17 2.44 -13.36
O2 MAN C . -7.51 4.60 -10.70
O3 MAN C . -8.10 2.57 -8.87
O4 MAN C . -10.14 1.59 -10.45
O5 MAN C . -7.92 3.08 -12.99
O6 MAN C . -9.93 1.84 -14.64
C1 NAG C . -7.10 5.35 -9.54
C2 NAG C . -5.67 5.88 -9.70
C3 NAG C . -5.60 7.33 -9.23
C4 NAG C . -6.49 8.18 -10.11
C5 NAG C . -7.91 7.62 -10.14
C6 NAG C . -8.35 7.21 -11.53
C7 NAG C . -4.73 4.86 -7.66
C8 NAG C . -3.65 3.99 -7.10
N2 NAG C . -4.70 5.06 -8.98
O3 NAG C . -4.26 7.80 -9.29
O4 NAG C . -6.53 9.52 -9.62
O5 NAG C . -8.03 6.45 -9.29
O6 NAG C . -9.60 6.53 -11.49
O7 NAG C . -5.60 5.35 -6.95
H1 NAG C . -7.12 4.75 -8.76
H2 NAG C . -5.45 5.86 -10.64
H3 NAG C . -5.92 7.39 -8.30
H4 NAG C . -6.13 8.20 -11.02
H5 NAG C . -8.53 8.30 -9.82
H61 NAG C . -7.68 6.61 -11.92
H62 NAG C . -8.43 8.00 -12.09
H81 NAG C . -2.77 4.39 -7.29
H82 NAG C . -3.69 3.11 -7.51
H83 NAG C . -3.76 3.90 -6.14
HN2 NAG C . -4.03 4.67 -9.46
HO3 NAG C . -3.78 7.42 -8.65
HO4 NAG C . -6.38 10.09 -10.29
HO6 NAG C . -10.02 6.64 -12.27
C1 MAN C . 0.04 -0.31 -15.63
C2 MAN C . 0.30 -0.26 -17.11
C3 MAN C . 0.04 -1.62 -17.90
C4 MAN C . 0.38 -2.87 -17.07
C5 MAN C . -0.24 -2.74 -15.68
C6 MAN C . 0.12 -3.94 -14.71
O2 MAN C . 1.38 0.58 -17.65
O3 MAN C . 0.73 -1.63 -19.18
O4 MAN C . -0.19 -4.03 -17.77
O5 MAN C . 0.28 -1.56 -15.02
O6 MAN C . -0.69 -3.72 -13.50
C1 NAG C . 2.76 0.48 -17.23
C2 NAG C . 3.40 1.85 -17.66
C3 NAG C . 4.82 2.04 -17.05
C4 NAG C . 4.93 1.51 -15.63
C5 NAG C . 4.28 0.14 -15.58
C6 NAG C . 4.35 -0.59 -14.26
C7 NAG C . 3.85 2.90 -19.84
C8 NAG C . 3.85 2.65 -21.33
N2 NAG C . 3.45 1.87 -19.10
O3 NAG C . 5.29 3.40 -17.09
O4 NAG C . 6.31 1.39 -15.29
O5 NAG C . 2.89 0.30 -15.88
O6 NAG C . 4.08 -1.96 -14.51
O7 NAG C . 4.20 3.97 -19.35
H1 NAG C . 3.20 -0.25 -17.71
H2 NAG C . 2.83 2.59 -17.34
H3 NAG C . 5.44 1.52 -17.60
H4 NAG C . 4.49 2.12 -15.01
H5 NAG C . 4.68 -0.42 -16.26
H61 NAG C . 3.69 -0.23 -13.65
H62 NAG C . 5.24 -0.48 -13.89
H81 NAG C . 2.95 2.43 -21.62
H82 NAG C . 4.45 1.91 -21.54
H83 NAG C . 4.16 3.46 -21.79
HN2 NAG C . 3.22 1.11 -19.54
HO3 NAG C . 5.05 3.82 -16.33
HO4 NAG C . 6.38 1.10 -14.45
HO6 NAG C . 3.58 -2.28 -13.85
C1 FUC C . -3.07 -6.67 -23.65
C2 FUC C . -2.83 -7.38 -22.21
C3 FUC C . -4.07 -8.16 -21.68
C4 FUC C . -4.64 -9.06 -22.79
C5 FUC C . -5.05 -8.18 -23.95
C6 FUC C . -5.68 -8.98 -25.10
O2 FUC C . -2.31 -6.53 -21.18
O3 FUC C . -3.70 -9.00 -20.58
O4 FUC C . -3.67 -9.99 -23.24
O5 FUC C . -3.90 -7.45 -24.51
H1 FUC C . -2.11 -6.61 -24.18
H2 FUC C . -2.05 -8.12 -22.36
H3 FUC C . -4.84 -7.44 -21.37
H4 FUC C . -5.54 -9.57 -22.42
H5 FUC C . -5.77 -7.45 -23.57
H61 FUC C . -5.95 -8.31 -25.92
H62 FUC C . -6.59 -9.49 -24.74
H63 FUC C . -4.98 -9.72 -25.48
HO2 FUC C . -2.90 -6.65 -20.42
HO3 FUC C . -4.18 -8.66 -19.82
HO4 FUC C . -3.32 -9.60 -24.06
C1 NAG D . -20.31 9.00 -7.43
C2 NAG D . -19.65 8.10 -8.47
C3 NAG D . -19.44 6.70 -7.90
C4 NAG D . -18.64 6.77 -6.60
C5 NAG D . -19.29 7.73 -5.62
C6 NAG D . -18.45 7.97 -4.39
C7 NAG D . -19.89 8.14 -10.91
C8 NAG D . -20.83 8.06 -12.06
N2 NAG D . -20.43 8.05 -9.70
O3 NAG D . -18.75 5.90 -8.86
O4 NAG D . -18.61 5.47 -6.02
O5 NAG D . -19.50 9.01 -6.23
O6 NAG D . -17.45 8.96 -4.61
O7 NAG D . -18.69 8.30 -11.07
C1 NAG D . -17.30 4.87 -6.16
C2 NAG D . -17.18 3.83 -5.03
C3 NAG D . -15.83 3.11 -5.11
C4 NAG D . -15.59 2.56 -6.52
C5 NAG D . -15.80 3.67 -7.56
C6 NAG D . -15.65 3.21 -8.99
C7 NAG D . -18.21 4.01 -2.81
C8 NAG D . -18.27 4.80 -1.53
N2 NAG D . -17.36 4.47 -3.73
O3 NAG D . -15.84 2.04 -4.17
O4 NAG D . -14.26 2.08 -6.66
O5 NAG D . -17.11 4.23 -7.41
O6 NAG D . -16.89 2.93 -9.60
O7 NAG D . -18.90 3.02 -3.00
C1 BMA D . -14.06 0.71 -6.24
C2 BMA D . -13.02 0.01 -7.19
C3 BMA D . -12.60 -1.38 -6.64
C4 BMA D . -12.17 -1.24 -5.20
C5 BMA D . -13.29 -0.60 -4.38
C6 BMA D . -12.81 -0.34 -2.99
O2 BMA D . -11.84 0.80 -7.29
O3 BMA D . -11.55 -2.03 -7.40
O4 BMA D . -11.85 -2.55 -4.66
O5 BMA D . -13.62 0.70 -4.91
O6 BMA D . -13.83 0.40 -2.37
C1 MAN D . -13.55 0.33 -0.96
C2 MAN D . -14.88 0.50 -0.17
C3 MAN D . -15.36 2.02 -0.35
C4 MAN D . -14.22 3.08 -0.24
C5 MAN D . -13.03 2.63 -1.11
C6 MAN D . -11.80 3.53 -1.06
O2 MAN D . -14.63 0.05 1.23
O3 MAN D . -16.52 2.41 0.39
O4 MAN D . -14.69 4.33 -0.67
O5 MAN D . -12.62 1.34 -0.65
O6 MAN D . -11.64 3.99 0.27
C1 NAG D . -15.59 0.33 2.27
C2 NAG D . -16.29 -0.90 2.91
C3 NAG D . -15.55 -1.34 4.17
C4 NAG D . -14.06 -1.10 4.03
C5 NAG D . -13.80 0.41 3.97
C6 NAG D . -12.52 0.78 3.26
C7 NAG D . -18.61 -1.44 3.57
C8 NAG D . -19.94 -0.86 3.95
N2 NAG D . -17.66 -0.56 3.25
O3 NAG D . -15.76 -2.72 4.49
O4 NAG D . -13.40 -1.68 5.15
O5 NAG D . -14.87 1.09 3.29
O6 NAG D . -11.87 -0.36 2.72
O7 NAG D . -18.40 -2.66 3.55
H1 NAG D . -16.28 0.90 1.89
H2 NAG D . -16.29 -1.64 2.27
H3 NAG D . -15.87 -0.81 4.92
H4 NAG D . -13.73 -1.52 3.21
H5 NAG D . -13.75 0.75 4.89
H61 NAG D . -11.91 1.21 3.89
H62 NAG D . -12.72 1.40 2.53
H81 NAG D . -19.83 -0.28 4.73
H82 NAG D . -20.57 -1.58 4.16
H83 NAG D . -20.30 -0.33 3.20
HN2 NAG D . -17.87 0.33 3.30
HO3 NAG D . -15.65 -2.83 5.37
HO4 NAG D . -13.12 -1.03 5.70
HO6 NAG D . -11.12 -0.12 2.31
C1 MAN D . -12.19 -2.61 -8.56
C2 MAN D . -11.74 -4.07 -8.58
C3 MAN D . -10.24 -4.13 -8.66
C4 MAN D . -9.67 -3.23 -9.82
C5 MAN D . -10.37 -1.86 -9.92
C6 MAN D . -10.10 -1.18 -11.25
O2 MAN D . -12.22 -4.76 -9.75
O3 MAN D . -9.85 -5.50 -8.81
O4 MAN D . -8.29 -2.96 -9.67
O5 MAN D . -11.80 -1.97 -9.76
O6 MAN D . -8.77 -0.71 -11.23
#